data_4FF9
#
_entry.id   4FF9
#
_cell.length_a   113.050
_cell.length_b   113.050
_cell.length_c   70.590
_cell.angle_alpha   90.00
_cell.angle_beta   90.00
_cell.angle_gamma   120.00
#
_symmetry.space_group_name_H-M   'P 63'
#
loop_
_entity.id
_entity.type
_entity.pdbx_description
1 polymer 'Superoxide dismutase [Cu-Zn]'
2 non-polymer CYSTEINE
3 non-polymer 'ZINC ION'
4 non-polymer 'COPPER (II) ION'
5 water water
#
_entity_poly.entity_id   1
_entity_poly.type   'polypeptide(L)'
_entity_poly.pdbx_seq_one_letter_code
;ATKAVCVLKGDGPVQGIINFEQKESNGPVKVWGSIKGLTEGLHGFHVHEFGDNTAGCTSAGPHFNPLSRKHGGPKDEERH
VGDLGNVTADKDGVADVSIEDSVISLSGDHCIIGRTLVVHEKADDLGKGGNEESTKTGNAGSRLACGVIGIAQ
;
_entity_poly.pdbx_strand_id   A,B
#
# COMPACT_ATOMS: atom_id res chain seq x y z
N ALA A 1 -1.89 6.03 -14.11
CA ALA A 1 -1.70 7.45 -13.87
C ALA A 1 -2.53 7.94 -12.68
N THR A 2 -2.94 9.22 -12.76
CA THR A 2 -3.59 9.99 -11.70
C THR A 2 -3.86 9.42 -10.29
N LYS A 3 -4.16 10.35 -9.38
CA LYS A 3 -4.49 10.11 -7.97
C LYS A 3 -3.96 8.87 -7.16
N ALA A 4 -3.09 9.15 -6.18
CA ALA A 4 -2.66 8.16 -5.20
C ALA A 4 -2.79 8.69 -3.77
N VAL A 5 -2.58 7.80 -2.80
CA VAL A 5 -2.56 8.23 -1.40
C VAL A 5 -1.71 7.29 -0.53
N CYS A 6 -1.13 7.84 0.52
CA CYS A 6 -0.31 7.04 1.39
C CYS A 6 -0.43 7.52 2.85
N VAL A 7 -1.06 6.73 3.69
CA VAL A 7 -1.09 7.03 5.11
C VAL A 7 0.22 6.61 5.76
N LEU A 8 0.97 7.58 6.29
CA LEU A 8 2.21 7.28 6.97
C LEU A 8 1.96 7.08 8.45
N LYS A 9 2.29 5.88 8.91
CA LYS A 9 2.16 5.48 10.31
C LYS A 9 3.54 4.95 10.79
N GLY A 10 3.77 4.96 12.09
CA GLY A 10 5.01 4.45 12.65
C GLY A 10 4.83 3.89 14.05
N ASP A 11 5.91 3.91 14.85
CA ASP A 11 5.88 3.43 16.24
C ASP A 11 5.98 4.60 17.22
N GLY A 12 6.30 5.78 16.69
CA GLY A 12 6.37 6.97 17.50
C GLY A 12 5.24 7.91 17.15
N PRO A 13 5.44 9.20 17.37
CA PRO A 13 4.41 10.21 17.10
C PRO A 13 4.13 10.52 15.61
N VAL A 14 5.11 10.38 14.71
CA VAL A 14 4.90 10.99 13.39
C VAL A 14 3.91 10.23 12.54
N GLN A 15 2.95 10.98 11.99
CA GLN A 15 1.92 10.42 11.15
C GLN A 15 1.47 11.49 10.18
N GLY A 16 0.95 11.08 9.03
CA GLY A 16 0.49 12.04 8.04
C GLY A 16 -0.01 11.39 6.77
N ILE A 17 -0.89 12.09 6.04
CA ILE A 17 -1.41 11.62 4.77
C ILE A 17 -0.68 12.34 3.65
N ILE A 18 -0.26 11.60 2.64
CA ILE A 18 0.34 12.24 1.49
C ILE A 18 -0.38 11.85 0.23
N ASN A 19 -0.93 12.85 -0.44
CA ASN A 19 -1.63 12.61 -1.68
C ASN A 19 -0.68 12.83 -2.85
N PHE A 20 -0.95 12.16 -3.96
CA PHE A 20 -0.18 12.31 -5.19
C PHE A 20 -1.13 12.56 -6.34
N GLU A 21 -0.93 13.63 -7.09
CA GLU A 21 -1.70 13.79 -8.30
C GLU A 21 -0.75 13.71 -9.48
N GLN A 22 -1.23 13.23 -10.63
CA GLN A 22 -0.46 13.29 -11.88
C GLN A 22 -1.38 13.53 -13.08
N LYS A 23 -1.60 14.80 -13.42
CA LYS A 23 -2.54 15.22 -14.46
C LYS A 23 -2.32 14.51 -15.81
N GLU A 24 -1.19 14.81 -16.44
CA GLU A 24 -0.79 14.11 -17.66
C GLU A 24 -0.45 12.67 -17.29
N SER A 25 0.28 11.97 -18.16
CA SER A 25 0.57 10.56 -17.93
C SER A 25 2.06 10.23 -17.84
N ASN A 26 2.87 10.89 -18.64
CA ASN A 26 4.30 10.64 -18.61
C ASN A 26 5.12 11.77 -17.97
N GLY A 27 4.47 12.61 -17.17
CA GLY A 27 5.12 13.82 -16.70
C GLY A 27 5.33 13.99 -15.21
N PRO A 28 4.87 15.12 -14.68
CA PRO A 28 5.15 15.57 -13.32
C PRO A 28 4.06 15.21 -12.31
N VAL A 29 4.52 14.81 -11.12
CA VAL A 29 3.64 14.41 -10.04
C VAL A 29 3.71 15.48 -8.94
N LYS A 30 2.57 16.06 -8.62
CA LYS A 30 2.52 16.96 -7.48
C LYS A 30 2.34 16.10 -6.23
N VAL A 31 3.25 16.22 -5.29
CA VAL A 31 3.12 15.48 -4.06
C VAL A 31 2.74 16.46 -2.98
N TRP A 32 1.66 16.22 -2.26
CA TRP A 32 1.34 17.16 -1.18
C TRP A 32 0.61 16.54 -0.02
N GLY A 33 0.72 17.19 1.15
CA GLY A 33 0.03 16.71 2.31
C GLY A 33 0.71 17.13 3.58
N SER A 34 0.32 16.51 4.68
CA SER A 34 0.74 16.94 5.99
C SER A 34 1.20 15.80 6.91
N ILE A 35 2.31 16.03 7.62
CA ILE A 35 2.90 15.07 8.53
C ILE A 35 3.19 15.73 9.88
N LYS A 36 2.84 15.05 10.96
CA LYS A 36 2.91 15.63 12.30
C LYS A 36 4.00 14.96 13.09
N GLY A 37 4.19 15.43 14.32
CA GLY A 37 5.05 14.76 15.29
C GLY A 37 6.56 14.81 15.07
N LEU A 38 6.98 15.48 13.99
CA LEU A 38 8.40 15.55 13.65
C LEU A 38 9.14 16.63 14.45
N THR A 39 10.46 16.51 14.50
CA THR A 39 11.27 17.62 14.98
C THR A 39 11.43 18.68 13.90
N GLU A 40 11.48 19.94 14.35
CA GLU A 40 11.66 21.06 13.45
C GLU A 40 12.87 20.84 12.57
N GLY A 41 12.76 21.23 11.31
CA GLY A 41 13.91 21.13 10.43
C GLY A 41 13.67 20.16 9.31
N LEU A 42 14.76 19.70 8.71
CA LEU A 42 14.70 18.92 7.49
C LEU A 42 14.56 17.44 7.78
N HIS A 43 13.84 16.74 6.90
CA HIS A 43 13.62 15.30 7.01
C HIS A 43 13.62 14.60 5.66
N GLY A 44 14.36 13.50 5.59
CA GLY A 44 14.47 12.74 4.36
C GLY A 44 13.11 12.20 4.01
N PHE A 45 12.88 12.08 2.69
CA PHE A 45 11.60 11.75 2.17
C PHE A 45 11.81 11.03 0.83
N HIS A 46 11.57 9.72 0.81
CA HIS A 46 11.80 8.92 -0.39
C HIS A 46 10.79 7.82 -0.59
N VAL A 47 10.73 7.35 -1.83
CA VAL A 47 10.06 6.10 -2.08
C VAL A 47 11.09 4.97 -2.02
N HIS A 48 10.82 3.97 -1.20
CA HIS A 48 11.62 2.76 -1.16
C HIS A 48 11.09 1.73 -2.15
N GLU A 49 11.82 0.65 -2.33
CA GLU A 49 11.55 -0.28 -3.43
C GLU A 49 10.32 -1.14 -3.21
N PHE A 50 10.09 -1.55 -1.96
CA PHE A 50 9.07 -2.56 -1.67
C PHE A 50 7.94 -2.06 -0.77
N GLY A 51 6.71 -2.30 -1.21
CA GLY A 51 5.53 -2.02 -0.41
C GLY A 51 5.29 -3.12 0.58
N ASP A 52 6.35 -3.41 1.32
CA ASP A 52 6.46 -4.52 2.25
C ASP A 52 6.61 -3.96 3.67
N ASN A 53 5.57 -4.17 4.48
N ASN A 53 5.58 -4.13 4.49
CA ASN A 53 5.51 -3.64 5.85
CA ASN A 53 5.66 -3.63 5.85
C ASN A 53 5.55 -4.75 6.90
C ASN A 53 5.53 -4.74 6.89
N THR A 54 5.81 -5.97 6.46
CA THR A 54 5.83 -7.10 7.37
C THR A 54 6.72 -6.83 8.60
N ALA A 55 7.97 -6.47 8.36
CA ALA A 55 8.90 -6.15 9.45
C ALA A 55 9.01 -4.65 9.60
N GLY A 56 7.86 -3.98 9.58
CA GLY A 56 7.80 -2.54 9.74
C GLY A 56 8.41 -1.80 8.56
N CYS A 57 8.90 -0.59 8.82
CA CYS A 57 9.49 0.25 7.78
C CYS A 57 10.78 -0.34 7.23
N THR A 58 11.39 -1.26 7.98
CA THR A 58 12.62 -1.90 7.53
C THR A 58 12.44 -2.73 6.25
N SER A 59 11.24 -3.25 6.07
CA SER A 59 10.95 -4.20 5.01
C SER A 59 10.76 -3.53 3.66
N ALA A 60 10.72 -2.19 3.67
CA ALA A 60 10.50 -1.42 2.45
C ALA A 60 11.71 -1.53 1.56
N GLY A 61 12.84 -1.85 2.21
CA GLY A 61 14.10 -2.00 1.52
C GLY A 61 14.78 -0.66 1.23
N PRO A 62 15.70 -0.69 0.27
CA PRO A 62 16.44 0.47 -0.23
C PRO A 62 15.49 1.45 -0.91
N HIS A 63 16.00 2.61 -1.32
CA HIS A 63 15.24 3.57 -2.09
C HIS A 63 14.91 2.96 -3.46
N PHE A 64 13.70 3.23 -3.94
CA PHE A 64 13.29 2.82 -5.28
C PHE A 64 14.36 3.25 -6.28
N ASN A 65 15.05 2.28 -6.86
CA ASN A 65 16.21 2.57 -7.72
C ASN A 65 16.23 1.85 -9.08
N PRO A 66 15.17 2.03 -9.89
CA PRO A 66 14.94 1.27 -11.12
C PRO A 66 16.08 1.39 -12.12
N LEU A 67 16.87 2.44 -11.99
CA LEU A 67 17.97 2.70 -12.91
C LEU A 67 19.30 2.34 -12.27
N SER A 68 19.23 1.87 -11.02
CA SER A 68 20.42 1.51 -10.24
C SER A 68 21.54 2.53 -10.45
N ARG A 69 21.31 3.72 -9.93
CA ARG A 69 22.30 4.78 -9.89
C ARG A 69 22.57 5.07 -8.42
N LYS A 70 23.34 6.13 -8.16
CA LYS A 70 23.72 6.51 -6.80
C LYS A 70 22.73 7.51 -6.20
N HIS A 71 22.71 7.59 -4.87
CA HIS A 71 21.77 8.47 -4.17
C HIS A 71 22.09 9.92 -4.46
N GLY A 72 21.07 10.74 -4.63
CA GLY A 72 21.28 12.15 -4.88
C GLY A 72 20.04 12.94 -4.50
N GLY A 73 20.09 14.25 -4.69
CA GLY A 73 18.89 15.04 -4.45
C GLY A 73 18.01 15.05 -5.68
N PRO A 74 16.77 15.53 -5.53
CA PRO A 74 15.76 15.51 -6.59
C PRO A 74 16.19 16.22 -7.86
N LYS A 75 17.08 17.21 -7.79
CA LYS A 75 17.51 17.96 -8.97
C LYS A 75 18.75 17.39 -9.69
N ASP A 76 19.44 16.45 -9.07
CA ASP A 76 20.66 15.91 -9.64
C ASP A 76 20.33 14.77 -10.60
N GLU A 77 20.97 14.74 -11.78
CA GLU A 77 20.78 13.64 -12.74
C GLU A 77 21.11 12.28 -12.13
N GLU A 78 22.27 12.19 -11.52
CA GLU A 78 22.60 11.04 -10.69
C GLU A 78 21.75 11.07 -9.38
N ARG A 79 20.54 10.55 -9.47
CA ARG A 79 19.69 10.35 -8.31
C ARG A 79 19.02 8.99 -8.37
N HIS A 80 18.41 8.62 -7.26
CA HIS A 80 17.54 7.47 -7.17
C HIS A 80 16.16 7.96 -7.68
N VAL A 81 15.32 7.04 -8.16
CA VAL A 81 13.97 7.45 -8.54
C VAL A 81 13.21 7.83 -7.28
N GLY A 82 13.40 7.09 -6.20
CA GLY A 82 12.71 7.41 -4.97
C GLY A 82 13.14 8.72 -4.34
N ASP A 83 14.19 9.32 -4.86
CA ASP A 83 14.83 10.48 -4.22
C ASP A 83 14.06 11.78 -4.31
N LEU A 84 13.20 12.02 -3.31
CA LEU A 84 12.45 13.26 -3.27
C LEU A 84 13.11 14.27 -2.34
N GLY A 85 14.35 13.99 -1.92
CA GLY A 85 15.07 14.91 -1.07
C GLY A 85 14.49 15.08 0.33
N ASN A 86 14.11 16.33 0.68
CA ASN A 86 13.60 16.66 2.01
C ASN A 86 12.23 17.31 2.06
N VAL A 87 11.60 17.21 3.21
CA VAL A 87 10.43 17.99 3.52
C VAL A 87 10.80 18.76 4.78
N THR A 88 9.97 19.71 5.17
CA THR A 88 10.36 20.60 6.24
C THR A 88 9.30 20.75 7.32
N ALA A 89 9.67 20.45 8.56
CA ALA A 89 8.72 20.59 9.68
C ALA A 89 8.87 21.94 10.35
N ASP A 90 7.76 22.64 10.54
CA ASP A 90 7.80 23.83 11.36
C ASP A 90 7.96 23.43 12.83
N LYS A 91 7.84 24.40 13.71
CA LYS A 91 7.64 24.04 15.10
C LYS A 91 6.16 23.68 15.23
N ASP A 92 5.85 22.87 16.22
CA ASP A 92 4.60 22.11 16.24
C ASP A 92 4.89 20.78 15.54
N GLY A 93 6.13 20.66 15.08
CA GLY A 93 6.57 19.48 14.37
C GLY A 93 5.71 19.12 13.17
N VAL A 94 5.15 20.12 12.50
CA VAL A 94 4.26 19.84 11.39
C VAL A 94 4.89 20.14 10.04
N ALA A 95 4.84 19.18 9.15
CA ALA A 95 5.41 19.40 7.83
C ALA A 95 4.35 19.35 6.75
N ASP A 96 3.85 20.53 6.37
CA ASP A 96 3.00 20.67 5.20
C ASP A 96 3.85 20.37 3.97
N VAL A 97 3.73 19.19 3.40
CA VAL A 97 4.53 18.85 2.23
C VAL A 97 3.96 19.49 0.97
N SER A 98 4.83 19.98 0.10
CA SER A 98 4.42 20.38 -1.26
C SER A 98 5.57 20.20 -2.24
N ILE A 99 5.52 19.12 -3.00
CA ILE A 99 6.62 18.79 -3.92
C ILE A 99 6.11 18.58 -5.33
N GLU A 100 6.96 18.89 -6.29
CA GLU A 100 6.66 18.51 -7.66
C GLU A 100 7.84 17.80 -8.26
N ASP A 101 7.63 16.55 -8.63
CA ASP A 101 8.72 15.76 -9.19
C ASP A 101 8.33 15.21 -10.54
N SER A 102 9.32 15.14 -11.44
CA SER A 102 9.06 14.61 -12.78
C SER A 102 9.90 13.36 -13.09
N VAL A 103 10.44 12.73 -12.03
CA VAL A 103 11.10 11.44 -12.21
C VAL A 103 10.19 10.30 -11.72
N ILE A 104 9.76 10.37 -10.45
CA ILE A 104 8.74 9.48 -9.93
C ILE A 104 7.47 9.56 -10.79
N SER A 105 6.65 8.52 -10.74
CA SER A 105 5.48 8.44 -11.61
C SER A 105 4.38 7.57 -10.97
N LEU A 106 3.13 7.78 -11.40
CA LEU A 106 2.04 6.90 -10.99
C LEU A 106 1.69 5.88 -12.08
N SER A 107 2.28 6.04 -13.26
CA SER A 107 1.89 5.21 -14.40
C SER A 107 2.68 3.92 -14.44
N GLY A 108 3.77 3.89 -15.20
CA GLY A 108 4.52 2.65 -15.39
C GLY A 108 6.03 2.80 -15.27
N ASP A 109 6.71 1.66 -15.14
CA ASP A 109 8.17 1.62 -15.06
C ASP A 109 8.69 2.34 -13.82
N HIS A 110 8.65 3.66 -13.85
CA HIS A 110 9.03 4.44 -12.68
C HIS A 110 7.85 4.53 -11.72
N CYS A 111 6.79 3.80 -12.04
CA CYS A 111 5.59 3.74 -11.18
C CYS A 111 5.94 3.34 -9.74
N ILE A 112 5.59 4.21 -8.81
CA ILE A 112 5.91 4.05 -7.40
C ILE A 112 4.73 3.49 -6.62
N ILE A 113 3.74 2.95 -7.34
CA ILE A 113 2.53 2.48 -6.70
C ILE A 113 2.73 1.08 -6.13
N GLY A 114 2.19 0.86 -4.94
CA GLY A 114 2.46 -0.36 -4.20
C GLY A 114 3.87 -0.34 -3.62
N ARG A 115 4.47 0.84 -3.61
CA ARG A 115 5.80 1.03 -3.08
C ARG A 115 5.67 1.74 -1.74
N THR A 116 6.79 1.92 -1.02
CA THR A 116 6.74 2.58 0.28
C THR A 116 7.39 3.97 0.26
N LEU A 117 6.70 4.92 0.88
CA LEU A 117 7.16 6.27 1.02
C LEU A 117 7.61 6.39 2.47
N VAL A 118 8.84 6.88 2.68
CA VAL A 118 9.39 7.05 4.02
C VAL A 118 9.74 8.51 4.31
N VAL A 119 9.42 8.95 5.53
CA VAL A 119 9.97 10.18 6.10
C VAL A 119 10.99 9.76 7.17
N HIS A 120 12.09 10.51 7.31
CA HIS A 120 13.22 10.05 8.11
C HIS A 120 13.51 10.83 9.40
N GLU A 121 14.40 10.26 10.19
CA GLU A 121 14.82 10.83 11.46
C GLU A 121 15.58 12.15 11.26
N LYS A 122 16.38 12.22 10.21
CA LYS A 122 17.25 13.37 10.01
C LYS A 122 17.21 13.93 8.60
N ALA A 123 17.98 14.98 8.40
CA ALA A 123 18.07 15.60 7.09
C ALA A 123 18.73 14.67 6.09
N ASP A 124 18.23 14.69 4.88
CA ASP A 124 18.87 14.03 3.75
C ASP A 124 19.97 14.94 3.22
N ASP A 125 21.23 14.51 3.23
CA ASP A 125 22.30 15.36 2.67
C ASP A 125 22.43 15.34 1.11
N LEU A 126 21.48 14.77 0.41
CA LEU A 126 21.46 14.91 -1.05
C LEU A 126 22.75 14.43 -1.75
N GLY A 127 23.41 13.41 -1.19
CA GLY A 127 24.65 12.88 -1.77
C GLY A 127 25.90 13.70 -1.47
N LYS A 128 25.75 14.89 -0.93
CA LYS A 128 26.88 15.78 -0.65
C LYS A 128 27.59 15.53 0.71
N GLY A 129 27.27 14.42 1.37
CA GLY A 129 27.85 14.10 2.66
C GLY A 129 29.33 13.70 2.81
N GLY A 130 29.95 13.13 1.77
CA GLY A 130 31.36 12.80 1.82
C GLY A 130 31.69 11.46 2.49
N ASN A 131 30.66 10.66 2.77
CA ASN A 131 30.88 9.27 3.18
C ASN A 131 30.13 8.33 2.26
N GLU A 132 30.29 7.03 2.50
CA GLU A 132 29.65 6.05 1.63
CA GLU A 132 29.67 5.96 1.71
C GLU A 132 28.15 6.01 1.87
N GLU A 133 27.73 6.29 3.09
CA GLU A 133 26.33 6.29 3.44
C GLU A 133 25.58 7.37 2.66
N SER A 134 26.25 8.50 2.46
CA SER A 134 25.67 9.62 1.77
C SER A 134 25.29 9.23 0.35
N THR A 135 26.02 8.27 -0.22
CA THR A 135 25.68 7.80 -1.56
C THR A 135 24.59 6.70 -1.57
N LYS A 136 24.16 6.24 -0.41
CA LYS A 136 23.07 5.26 -0.33
C LYS A 136 21.75 5.85 0.17
N THR A 137 21.82 6.60 1.26
CA THR A 137 20.63 7.08 1.92
C THR A 137 20.69 8.56 2.19
N GLY A 138 21.77 9.19 1.74
CA GLY A 138 22.00 10.59 2.04
C GLY A 138 22.06 10.86 3.54
N ASN A 139 22.36 9.82 4.33
CA ASN A 139 22.53 9.97 5.78
C ASN A 139 21.27 10.36 6.50
N ALA A 140 20.11 10.03 5.93
CA ALA A 140 18.83 10.45 6.50
C ALA A 140 18.40 9.76 7.81
N GLY A 141 19.06 8.67 8.17
CA GLY A 141 18.81 8.03 9.47
C GLY A 141 17.65 7.05 9.53
N SER A 142 17.03 6.94 10.70
CA SER A 142 15.96 5.97 10.91
CA SER A 142 15.97 5.95 10.90
C SER A 142 14.77 6.27 10.00
N ARG A 143 13.78 5.38 10.02
CA ARG A 143 12.54 5.56 9.30
C ARG A 143 11.52 5.79 10.39
N LEU A 144 11.02 7.01 10.50
CA LEU A 144 10.08 7.38 11.56
C LEU A 144 8.64 6.87 11.32
N ALA A 145 8.23 6.85 10.05
CA ALA A 145 6.92 6.39 9.65
C ALA A 145 6.88 6.18 8.13
N CYS A 146 6.03 5.26 7.69
CA CYS A 146 5.99 4.83 6.31
C CYS A 146 4.59 4.35 5.96
N GLY A 147 4.32 4.16 4.66
CA GLY A 147 3.07 3.55 4.24
C GLY A 147 3.15 3.09 2.80
N VAL A 148 2.27 2.19 2.42
CA VAL A 148 2.21 1.76 1.03
C VAL A 148 1.40 2.72 0.15
N ILE A 149 1.99 3.11 -0.96
CA ILE A 149 1.37 4.07 -1.86
C ILE A 149 0.31 3.37 -2.70
N GLY A 150 -0.94 3.68 -2.39
CA GLY A 150 -2.09 3.02 -2.98
C GLY A 150 -2.99 3.92 -3.81
N ILE A 151 -3.81 3.28 -4.63
CA ILE A 151 -4.70 3.98 -5.54
C ILE A 151 -5.76 4.78 -4.77
N ALA A 152 -6.03 5.99 -5.25
CA ALA A 152 -7.12 6.82 -4.73
C ALA A 152 -8.11 7.16 -5.87
N GLN A 153 -9.34 7.51 -5.50
CA GLN A 153 -10.47 7.77 -6.42
C GLN A 153 -10.24 7.70 -7.95
N ALA B 1 6.55 -7.17 -11.09
CA ALA B 1 5.17 -7.40 -10.66
C ALA B 1 4.86 -8.89 -10.49
N THR B 2 5.85 -9.65 -10.02
CA THR B 2 5.67 -11.09 -9.80
C THR B 2 5.32 -11.44 -8.35
N LYS B 3 5.85 -10.70 -7.39
CA LYS B 3 5.56 -10.97 -5.99
C LYS B 3 4.88 -9.78 -5.33
N ALA B 4 3.95 -10.07 -4.44
CA ALA B 4 3.32 -9.01 -3.65
C ALA B 4 3.02 -9.52 -2.26
N VAL B 5 2.59 -8.63 -1.39
CA VAL B 5 2.24 -8.98 -0.02
C VAL B 5 1.43 -7.85 0.59
N CYS B 6 0.70 -8.15 1.65
CA CYS B 6 -0.17 -7.18 2.28
C CYS B 6 -0.18 -7.46 3.76
N VAL B 7 0.01 -6.45 4.59
CA VAL B 7 -0.14 -6.64 6.03
C VAL B 7 -1.54 -6.23 6.41
N LEU B 8 -2.42 -7.23 6.55
CA LEU B 8 -3.76 -6.94 7.00
C LEU B 8 -3.65 -6.48 8.44
N LYS B 9 -3.99 -5.22 8.68
CA LYS B 9 -4.03 -4.67 10.02
C LYS B 9 -5.42 -4.10 10.26
N GLY B 10 -5.86 -4.15 11.50
CA GLY B 10 -7.15 -3.61 11.86
C GLY B 10 -7.10 -3.05 13.26
N ASP B 11 -7.94 -2.06 13.53
CA ASP B 11 -8.00 -1.41 14.84
C ASP B 11 -8.59 -2.30 15.94
N GLY B 12 -8.64 -3.60 15.70
CA GLY B 12 -9.10 -4.55 16.69
C GLY B 12 -8.08 -5.61 17.02
N PRO B 13 -8.51 -6.87 17.14
CA PRO B 13 -7.62 -8.00 17.40
C PRO B 13 -7.22 -8.76 16.13
N VAL B 14 -7.94 -8.51 15.03
CA VAL B 14 -7.77 -9.24 13.78
C VAL B 14 -6.58 -8.74 12.98
N GLN B 15 -5.67 -9.63 12.61
CA GLN B 15 -4.45 -9.24 11.91
C GLN B 15 -3.71 -10.42 11.29
N GLY B 16 -3.02 -10.17 10.19
CA GLY B 16 -2.25 -11.20 9.52
C GLY B 16 -1.58 -10.76 8.24
N ILE B 17 -0.65 -11.58 7.74
CA ILE B 17 0.07 -11.28 6.50
C ILE B 17 -0.39 -12.20 5.37
N ILE B 18 -0.46 -11.67 4.16
CA ILE B 18 -0.93 -12.43 3.02
C ILE B 18 0.02 -12.24 1.85
N ASN B 19 0.39 -13.32 1.17
CA ASN B 19 1.31 -13.20 0.05
C ASN B 19 0.67 -13.44 -1.31
N PHE B 20 1.35 -13.00 -2.37
CA PHE B 20 0.86 -13.16 -3.74
C PHE B 20 2.00 -13.48 -4.69
N GLU B 21 1.86 -14.56 -5.46
CA GLU B 21 2.83 -14.87 -6.50
C GLU B 21 2.15 -14.96 -7.87
N GLN B 22 2.84 -14.48 -8.89
CA GLN B 22 2.36 -14.52 -10.26
C GLN B 22 3.51 -14.78 -11.23
N LYS B 23 3.26 -15.57 -12.27
CA LYS B 23 4.28 -15.90 -13.27
C LYS B 23 3.69 -16.02 -14.68
N ASN B 26 0.50 -13.41 -18.15
CA ASN B 26 -0.74 -13.06 -17.47
C ASN B 26 -1.46 -14.28 -16.89
N GLY B 27 -0.76 -15.02 -16.03
CA GLY B 27 -1.28 -16.25 -15.45
C GLY B 27 -2.07 -16.03 -14.17
N PRO B 28 -2.17 -17.09 -13.34
CA PRO B 28 -2.97 -17.09 -12.11
C PRO B 28 -2.17 -16.54 -10.93
N VAL B 29 -2.86 -16.26 -9.83
CA VAL B 29 -2.21 -15.70 -8.64
C VAL B 29 -2.42 -16.63 -7.46
N LYS B 30 -1.33 -16.97 -6.78
CA LYS B 30 -1.43 -17.74 -5.54
C LYS B 30 -1.50 -16.76 -4.38
N VAL B 31 -2.57 -16.84 -3.61
CA VAL B 31 -2.73 -15.99 -2.46
C VAL B 31 -2.67 -16.84 -1.19
N TRP B 32 -1.61 -16.67 -0.40
CA TRP B 32 -1.44 -17.46 0.81
C TRP B 32 -0.96 -16.63 1.99
N GLY B 33 -1.20 -17.13 3.19
CA GLY B 33 -0.76 -16.47 4.40
C GLY B 33 -1.68 -16.90 5.52
N SER B 34 -1.58 -16.24 6.66
CA SER B 34 -2.48 -16.56 7.76
C SER B 34 -3.14 -15.31 8.33
N ILE B 35 -4.22 -15.51 9.09
CA ILE B 35 -4.93 -14.42 9.76
C ILE B 35 -5.34 -14.89 11.15
N LYS B 36 -5.30 -14.01 12.14
CA LYS B 36 -5.60 -14.42 13.51
C LYS B 36 -6.47 -13.41 14.25
N GLY B 37 -7.09 -13.86 15.34
CA GLY B 37 -8.00 -13.02 16.11
C GLY B 37 -9.43 -13.08 15.60
N LEU B 38 -9.66 -13.96 14.64
CA LEU B 38 -10.97 -14.08 14.00
C LEU B 38 -11.96 -14.84 14.88
N THR B 39 -13.25 -14.73 14.55
CA THR B 39 -14.27 -15.57 15.18
C THR B 39 -14.48 -16.80 14.32
N GLU B 40 -14.50 -17.97 14.94
CA GLU B 40 -14.56 -19.22 14.19
C GLU B 40 -15.67 -19.20 13.14
N GLY B 41 -15.39 -19.76 11.97
CA GLY B 41 -16.40 -19.84 10.92
C GLY B 41 -15.84 -19.38 9.59
N LEU B 42 -16.73 -18.92 8.71
CA LEU B 42 -16.31 -18.36 7.42
C LEU B 42 -16.24 -16.85 7.51
N HIS B 43 -15.21 -16.28 6.89
CA HIS B 43 -15.02 -14.83 6.88
C HIS B 43 -14.79 -14.30 5.48
N GLY B 44 -15.61 -13.31 5.12
CA GLY B 44 -15.50 -12.63 3.84
C GLY B 44 -14.14 -11.96 3.72
N PHE B 45 -13.60 -12.00 2.51
CA PHE B 45 -12.22 -11.71 2.31
C PHE B 45 -12.11 -11.39 0.84
N HIS B 46 -11.52 -10.24 0.53
CA HIS B 46 -11.27 -9.86 -0.86
C HIS B 46 -10.79 -8.43 -1.08
N VAL B 47 -10.80 -8.02 -2.34
CA VAL B 47 -10.22 -6.77 -2.77
C VAL B 47 -11.22 -5.63 -2.97
N HIS B 48 -10.93 -4.48 -2.37
CA HIS B 48 -11.72 -3.27 -2.63
C HIS B 48 -10.96 -2.37 -3.59
N GLU B 49 -11.61 -1.28 -4.00
CA GLU B 49 -11.16 -0.43 -5.10
C GLU B 49 -9.96 0.47 -4.78
N PHE B 50 -9.97 1.07 -3.60
CA PHE B 50 -9.00 2.12 -3.27
C PHE B 50 -7.98 1.67 -2.24
N GLY B 51 -6.73 2.04 -2.45
CA GLY B 51 -5.67 1.79 -1.48
C GLY B 51 -5.58 2.92 -0.48
N ASP B 52 -6.73 3.28 0.07
CA ASP B 52 -6.86 4.48 0.89
C ASP B 52 -7.25 4.19 2.35
N ASN B 53 -6.25 4.18 3.23
CA ASN B 53 -6.44 3.91 4.65
C ASN B 53 -6.67 5.20 5.44
N THR B 54 -7.03 6.26 4.73
CA THR B 54 -7.13 7.58 5.37
C THR B 54 -8.08 7.60 6.57
N ALA B 55 -9.27 7.03 6.40
CA ALA B 55 -10.25 6.92 7.49
C ALA B 55 -10.42 5.48 7.95
N GLY B 56 -9.36 4.68 7.84
CA GLY B 56 -9.43 3.27 8.17
C GLY B 56 -9.85 2.43 6.97
N CYS B 57 -10.48 1.29 7.24
CA CYS B 57 -10.89 0.36 6.19
C CYS B 57 -12.01 0.93 5.32
N THR B 58 -12.79 1.85 5.91
CA THR B 58 -13.94 2.49 5.27
C THR B 58 -13.60 3.15 3.94
N SER B 59 -12.44 3.80 3.90
CA SER B 59 -12.03 4.61 2.75
C SER B 59 -11.49 3.76 1.59
N ALA B 60 -11.53 2.45 1.79
CA ALA B 60 -11.17 1.51 0.74
C ALA B 60 -12.30 1.47 -0.27
N GLY B 61 -13.49 1.85 0.18
CA GLY B 61 -14.69 1.87 -0.64
C GLY B 61 -15.26 0.51 -1.02
N PRO B 62 -16.02 0.49 -2.12
CA PRO B 62 -16.67 -0.73 -2.61
C PRO B 62 -15.65 -1.73 -3.12
N HIS B 63 -16.08 -3.00 -3.21
CA HIS B 63 -15.27 -4.09 -3.75
C HIS B 63 -14.70 -3.71 -5.12
N PHE B 64 -13.50 -4.19 -5.44
CA PHE B 64 -12.85 -3.87 -6.71
C PHE B 64 -13.64 -4.47 -7.84
N ASN B 65 -14.32 -3.63 -8.59
CA ASN B 65 -15.17 -4.11 -9.64
C ASN B 65 -14.99 -3.32 -10.93
N PRO B 66 -13.97 -3.70 -11.71
CA PRO B 66 -13.60 -3.11 -13.00
C PRO B 66 -14.69 -3.25 -14.06
N LEU B 67 -15.56 -4.24 -13.92
CA LEU B 67 -16.53 -4.54 -14.97
C LEU B 67 -18.00 -4.36 -14.56
N SER B 68 -18.23 -3.50 -13.58
CA SER B 68 -19.59 -3.12 -13.12
C SER B 68 -20.58 -4.29 -13.03
N ARG B 69 -20.38 -5.18 -12.05
CA ARG B 69 -21.17 -6.40 -11.92
C ARG B 69 -21.60 -6.69 -10.48
N LYS B 70 -22.49 -7.67 -10.33
CA LYS B 70 -23.04 -8.04 -9.03
C LYS B 70 -22.00 -8.77 -8.24
N HIS B 71 -22.07 -8.63 -6.92
CA HIS B 71 -21.18 -9.35 -6.01
C HIS B 71 -21.26 -10.87 -6.16
N GLY B 72 -20.17 -11.58 -5.89
CA GLY B 72 -20.20 -13.02 -5.99
C GLY B 72 -19.09 -13.81 -5.28
N GLY B 73 -19.22 -15.14 -5.34
CA GLY B 73 -18.18 -16.05 -4.87
C GLY B 73 -17.14 -16.19 -5.96
N PRO B 74 -15.94 -16.68 -5.61
CA PRO B 74 -14.83 -16.68 -6.57
C PRO B 74 -15.13 -17.40 -7.87
N LYS B 75 -16.08 -18.32 -7.86
CA LYS B 75 -16.33 -19.18 -9.03
C LYS B 75 -17.63 -18.85 -9.79
N ASP B 76 -18.46 -17.96 -9.25
CA ASP B 76 -19.57 -17.40 -10.00
C ASP B 76 -19.04 -16.65 -11.21
N GLU B 77 -19.77 -16.66 -12.32
CA GLU B 77 -19.35 -15.88 -13.49
C GLU B 77 -19.61 -14.41 -13.22
N GLU B 78 -20.66 -14.14 -12.46
CA GLU B 78 -21.02 -12.78 -12.05
C GLU B 78 -20.40 -12.44 -10.68
N ARG B 79 -19.36 -11.63 -10.70
CA ARG B 79 -18.72 -11.24 -9.46
C ARG B 79 -17.80 -10.05 -9.62
N HIS B 80 -17.50 -9.42 -8.51
CA HIS B 80 -16.57 -8.32 -8.48
C HIS B 80 -15.20 -8.95 -8.64
N VAL B 81 -14.43 -8.45 -9.61
CA VAL B 81 -13.08 -8.95 -9.86
C VAL B 81 -12.34 -9.20 -8.56
N GLY B 82 -12.61 -8.37 -7.56
CA GLY B 82 -11.96 -8.51 -6.28
C GLY B 82 -12.53 -9.60 -5.39
N ASP B 83 -13.62 -10.25 -5.82
CA ASP B 83 -14.34 -11.20 -4.96
C ASP B 83 -13.54 -12.49 -4.74
N LEU B 84 -13.13 -12.70 -3.49
CA LEU B 84 -12.40 -13.91 -3.13
C LEU B 84 -13.27 -14.88 -2.33
N GLY B 85 -14.47 -14.42 -2.00
CA GLY B 85 -15.35 -15.21 -1.17
C GLY B 85 -14.81 -15.36 0.23
N ASN B 86 -14.64 -16.60 0.65
CA ASN B 86 -14.34 -16.88 2.04
C ASN B 86 -12.97 -17.47 2.28
N VAL B 87 -12.42 -17.13 3.43
CA VAL B 87 -11.33 -17.86 4.04
C VAL B 87 -11.88 -18.44 5.33
N THR B 88 -11.41 -19.62 5.70
CA THR B 88 -11.95 -20.27 6.88
C THR B 88 -11.04 -20.14 8.08
N ALA B 89 -11.54 -19.46 9.10
CA ALA B 89 -10.84 -19.35 10.37
C ALA B 89 -11.11 -20.60 11.17
N ASP B 90 -10.07 -21.39 11.41
CA ASP B 90 -10.21 -22.57 12.26
C ASP B 90 -10.63 -22.15 13.66
N LYS B 91 -10.87 -23.14 14.53
CA LYS B 91 -11.36 -22.90 15.88
C LYS B 91 -10.54 -21.85 16.63
N ASP B 92 -9.28 -21.71 16.23
CA ASP B 92 -8.37 -20.80 16.89
C ASP B 92 -8.28 -19.45 16.21
N GLY B 93 -9.34 -19.07 15.51
CA GLY B 93 -9.37 -17.80 14.80
C GLY B 93 -8.27 -17.67 13.77
N VAL B 94 -7.55 -18.76 13.50
CA VAL B 94 -6.43 -18.72 12.56
C VAL B 94 -6.82 -19.25 11.20
N ALA B 95 -6.96 -18.34 10.24
CA ALA B 95 -7.25 -18.76 8.88
C ALA B 95 -5.97 -19.06 8.11
N ASP B 96 -5.82 -20.30 7.67
CA ASP B 96 -4.74 -20.69 6.79
C ASP B 96 -5.18 -20.36 5.37
N VAL B 97 -4.63 -19.31 4.77
CA VAL B 97 -5.13 -18.91 3.46
C VAL B 97 -4.34 -19.48 2.30
N SER B 98 -5.03 -20.17 1.39
CA SER B 98 -4.43 -20.55 0.11
C SER B 98 -5.47 -20.53 -1.00
N ILE B 99 -5.13 -19.88 -2.10
CA ILE B 99 -6.07 -19.63 -3.19
C ILE B 99 -5.26 -19.48 -4.46
N GLU B 100 -5.85 -19.87 -5.58
CA GLU B 100 -5.22 -19.63 -6.88
C GLU B 100 -6.27 -19.04 -7.82
N ASP B 101 -6.74 -17.84 -7.48
CA ASP B 101 -7.68 -17.11 -8.31
C ASP B 101 -7.00 -16.65 -9.59
N SER B 102 -7.64 -16.86 -10.73
CA SER B 102 -7.12 -16.31 -11.98
C SER B 102 -7.97 -15.14 -12.45
N VAL B 103 -8.97 -14.81 -11.64
CA VAL B 103 -9.85 -13.69 -11.90
C VAL B 103 -9.19 -12.41 -11.39
N ILE B 104 -8.15 -12.56 -10.57
CA ILE B 104 -7.32 -11.43 -10.13
C ILE B 104 -5.86 -11.63 -10.50
N SER B 105 -5.13 -10.51 -10.63
CA SER B 105 -3.72 -10.52 -11.03
C SER B 105 -2.92 -9.38 -10.42
N LEU B 106 -1.58 -9.47 -10.53
CA LEU B 106 -0.69 -8.47 -9.97
C LEU B 106 -0.22 -7.50 -11.05
N SER B 107 -0.65 -7.76 -12.27
CA SER B 107 -0.29 -6.93 -13.40
C SER B 107 -1.32 -7.10 -14.50
N GLY B 108 -2.35 -6.27 -14.46
CA GLY B 108 -3.36 -6.28 -15.50
C GLY B 108 -4.19 -5.01 -15.44
N ASP B 109 -5.32 -5.01 -16.15
CA ASP B 109 -6.31 -3.97 -15.94
C ASP B 109 -7.06 -4.37 -14.68
N HIS B 110 -6.74 -5.57 -14.19
CA HIS B 110 -7.26 -6.08 -12.93
C HIS B 110 -6.16 -6.10 -11.88
N CYS B 111 -5.12 -5.29 -12.11
CA CYS B 111 -4.01 -5.18 -11.17
C CYS B 111 -4.58 -4.97 -9.77
N ILE B 112 -4.34 -5.95 -8.89
CA ILE B 112 -4.76 -5.84 -7.50
C ILE B 112 -3.76 -5.01 -6.68
N ILE B 113 -2.69 -4.56 -7.34
CA ILE B 113 -1.64 -3.81 -6.64
C ILE B 113 -2.03 -2.37 -6.38
N GLY B 114 -1.74 -1.89 -5.18
CA GLY B 114 -2.17 -0.57 -4.77
C GLY B 114 -3.57 -0.52 -4.21
N ARG B 115 -4.22 -1.68 -4.06
CA ARG B 115 -5.59 -1.77 -3.53
C ARG B 115 -5.61 -2.27 -2.09
N THR B 116 -6.79 -2.35 -1.49
CA THR B 116 -6.90 -2.80 -0.10
C THR B 116 -7.54 -4.17 0.05
N LEU B 117 -6.79 -5.13 0.57
CA LEU B 117 -7.34 -6.41 0.92
C LEU B 117 -8.14 -6.23 2.20
N VAL B 118 -9.31 -6.85 2.27
CA VAL B 118 -10.19 -6.70 3.42
C VAL B 118 -10.69 -8.04 3.91
N VAL B 119 -10.76 -8.21 5.22
CA VAL B 119 -11.47 -9.35 5.80
C VAL B 119 -12.58 -8.91 6.74
N HIS B 120 -13.71 -9.62 6.66
CA HIS B 120 -14.98 -9.14 7.22
C HIS B 120 -15.53 -9.84 8.46
N GLU B 121 -16.55 -9.22 9.01
CA GLU B 121 -17.28 -9.71 10.15
C GLU B 121 -17.79 -11.12 9.88
N LYS B 122 -18.59 -11.25 8.82
CA LYS B 122 -19.35 -12.47 8.59
C LYS B 122 -18.97 -13.15 7.29
N ALA B 123 -19.83 -14.07 6.86
CA ALA B 123 -19.66 -14.81 5.62
C ALA B 123 -20.06 -14.00 4.40
N ASP B 124 -19.25 -14.10 3.35
CA ASP B 124 -19.63 -13.61 2.05
C ASP B 124 -20.78 -14.48 1.58
N ASP B 125 -21.95 -13.87 1.42
CA ASP B 125 -23.17 -14.54 0.96
C ASP B 125 -22.96 -15.16 -0.41
N LEU B 126 -21.79 -14.90 -0.98
CA LEU B 126 -21.51 -15.25 -2.37
C LEU B 126 -22.64 -14.79 -3.28
N GLY B 127 -23.48 -13.91 -2.76
CA GLY B 127 -24.47 -13.20 -3.57
C GLY B 127 -25.85 -13.82 -3.60
N LYS B 128 -25.98 -15.05 -3.11
CA LYS B 128 -27.26 -15.75 -3.11
C LYS B 128 -28.00 -15.52 -1.79
N GLY B 129 -27.90 -14.31 -1.26
CA GLY B 129 -28.44 -13.99 0.05
C GLY B 129 -29.91 -13.59 0.13
N GLY B 130 -30.52 -13.35 -1.02
CA GLY B 130 -31.94 -13.06 -1.05
C GLY B 130 -32.26 -11.62 -0.68
N ASN B 131 -31.30 -10.73 -0.90
CA ASN B 131 -31.55 -9.30 -0.74
C ASN B 131 -30.52 -8.38 -1.41
N GLU B 132 -30.82 -7.09 -1.38
CA GLU B 132 -30.01 -6.08 -2.05
C GLU B 132 -28.59 -6.07 -1.52
N GLU B 133 -28.48 -6.18 -0.19
CA GLU B 133 -27.18 -6.12 0.47
C GLU B 133 -26.22 -7.20 -0.05
N SER B 134 -26.71 -8.45 -0.12
CA SER B 134 -25.90 -9.56 -0.62
C SER B 134 -25.62 -9.44 -2.12
N THR B 135 -26.17 -8.39 -2.74
CA THR B 135 -25.89 -8.10 -4.14
C THR B 135 -24.60 -7.30 -4.23
N LYS B 136 -24.33 -6.52 -3.18
CA LYS B 136 -23.14 -5.68 -3.13
C LYS B 136 -21.97 -6.35 -2.38
N THR B 137 -22.22 -6.79 -1.15
CA THR B 137 -21.17 -7.18 -0.23
C THR B 137 -21.18 -8.68 0.14
N GLY B 138 -22.33 -9.31 -0.08
CA GLY B 138 -22.52 -10.68 0.38
C GLY B 138 -22.77 -10.70 1.88
N ASN B 139 -23.42 -9.65 2.39
CA ASN B 139 -23.73 -9.54 3.81
C ASN B 139 -22.54 -9.86 4.69
N ALA B 140 -21.35 -9.49 4.22
CA ALA B 140 -20.08 -9.79 4.90
C ALA B 140 -19.84 -8.90 6.11
N GLY B 141 -20.63 -7.84 6.20
CA GLY B 141 -20.61 -6.96 7.37
C GLY B 141 -19.42 -6.02 7.46
N SER B 142 -19.04 -5.72 8.70
CA SER B 142 -18.03 -4.72 8.98
C SER B 142 -16.64 -5.15 8.52
N ARG B 143 -15.75 -4.17 8.33
CA ARG B 143 -14.41 -4.42 7.84
C ARG B 143 -13.50 -4.50 9.03
N LEU B 144 -13.09 -5.72 9.38
CA LEU B 144 -12.34 -5.99 10.61
C LEU B 144 -10.84 -5.75 10.47
N ALA B 145 -10.34 -5.89 9.24
CA ALA B 145 -8.95 -5.56 8.96
C ALA B 145 -8.71 -5.38 7.46
N CYS B 146 -7.64 -4.64 7.13
CA CYS B 146 -7.30 -4.33 5.76
C CYS B 146 -5.83 -3.90 5.64
N GLY B 147 -5.31 -3.89 4.42
CA GLY B 147 -3.98 -3.38 4.15
C GLY B 147 -3.84 -3.13 2.66
N VAL B 148 -2.93 -2.23 2.29
CA VAL B 148 -2.67 -1.97 0.87
C VAL B 148 -1.79 -3.06 0.29
N ILE B 149 -2.15 -3.48 -0.91
CA ILE B 149 -1.40 -4.53 -1.57
C ILE B 149 -0.19 -3.90 -2.22
N GLY B 150 0.98 -4.40 -1.86
CA GLY B 150 2.20 -3.76 -2.32
C GLY B 150 3.28 -4.71 -2.76
N ILE B 151 4.08 -4.26 -3.70
CA ILE B 151 5.16 -5.05 -4.29
C ILE B 151 6.14 -5.61 -3.24
N ALA B 152 6.28 -6.93 -3.23
CA ALA B 152 7.16 -7.62 -2.29
C ALA B 152 8.45 -8.08 -2.96
N GLN B 153 9.51 -8.19 -2.16
CA GLN B 153 10.84 -8.56 -2.66
C GLN B 153 10.88 -9.97 -3.26
#